data_1YSX
#
_entry.id   1YSX
#
loop_
_entity.id
_entity.type
_entity.pdbx_description
1 polymer 'Serum albumin'
2 non-polymer "4-({2-[(2,4-DIMETHYLPHENYL)SULFANYL]ETHYL}AMINO)-N-[(4'-FLUORO-1,1'-BIPHENYL-4-YL)CARBONYL]-3-NITROBENZENESULFONAMIDE"
#
_entity_poly.entity_id   1
_entity_poly.type   'polypeptide(L)'
_entity_poly.pdbx_seq_one_letter_code
;QNLIKQNCELFEQLGEYKFQNALLVRYTKKVPQVSTPTLVEVSRNLGKVGSKCCKHPEAKRMPCAEDYLSVVLNQLCVLH
EKTPVSDRVTKCCTESLVNRRPCFSALEVDETYVPKEFNAETFTFHADICTLSEKERQIKKQTALVELVKHKPKATKEQL
KAVMDDFAAFVEKCCKADDKETCFAEEGKKLVAASQAALGL
;
_entity_poly.pdbx_strand_id   A
#
loop_
_chem_comp.id
_chem_comp.type
_chem_comp.name
_chem_comp.formula
4EB non-polymer 4-({2-[(2,4-DIMETHYLPHENYL)SULFANYL]ETHYL}AMINO)-N-[(4'-FLUORO-1,1'-BIPHENYL-4-YL)CARBONYL]-3-NITROBENZENESULFONAMIDE 'C29 H26 F N3 O5 S2'
#
# COMPACT_ATOMS: atom_id res chain seq x y z
N GLN A 1 -10.48 0.12 -22.97
CA GLN A 1 -9.91 1.39 -22.57
C GLN A 1 -10.64 1.95 -21.35
N ASN A 2 -11.94 1.68 -21.27
CA ASN A 2 -12.76 2.17 -20.16
C ASN A 2 -12.09 1.85 -18.83
N LEU A 3 -11.35 0.75 -18.78
CA LEU A 3 -10.67 0.34 -17.56
C LEU A 3 -9.90 1.51 -16.94
N ILE A 4 -9.43 2.42 -17.79
CA ILE A 4 -8.68 3.59 -17.33
C ILE A 4 -9.62 4.63 -16.74
N LYS A 5 -10.76 4.82 -17.38
CA LYS A 5 -11.74 5.80 -16.92
C LYS A 5 -12.36 5.36 -15.60
N GLN A 6 -12.64 4.07 -15.48
CA GLN A 6 -13.24 3.51 -14.27
C GLN A 6 -12.47 3.96 -13.03
N ASN A 7 -11.14 4.01 -13.16
CA ASN A 7 -10.29 4.42 -12.05
C ASN A 7 -10.25 5.94 -11.92
N CYS A 8 -10.29 6.62 -13.05
CA CYS A 8 -10.26 8.08 -13.06
C CYS A 8 -11.47 8.66 -12.33
N GLU A 9 -12.64 8.09 -12.59
CA GLU A 9 -13.88 8.54 -11.95
C GLU A 9 -13.92 8.12 -10.50
N LEU A 10 -13.40 6.93 -10.21
CA LEU A 10 -13.38 6.40 -8.85
C LEU A 10 -12.39 7.18 -7.98
N PHE A 11 -11.26 7.56 -8.58
CA PHE A 11 -10.24 8.31 -7.86
C PHE A 11 -10.81 9.59 -7.28
N GLU A 12 -11.62 10.29 -8.08
CA GLU A 12 -12.24 11.53 -7.64
C GLU A 12 -13.40 11.27 -6.68
N GLN A 13 -14.08 10.15 -6.89
CA GLN A 13 -15.21 9.79 -6.03
C GLN A 13 -14.75 9.53 -4.60
N LEU A 14 -13.60 8.89 -4.46
CA LEU A 14 -13.04 8.59 -3.15
C LEU A 14 -11.96 9.60 -2.76
N GLY A 15 -10.89 9.62 -3.54
CA GLY A 15 -9.80 10.54 -3.26
C GLY A 15 -8.45 10.01 -3.72
N GLU A 16 -7.39 10.45 -3.07
CA GLU A 16 -6.04 10.01 -3.41
C GLU A 16 -5.55 8.94 -2.45
N TYR A 17 -5.79 9.14 -1.16
CA TYR A 17 -5.37 8.20 -0.14
C TYR A 17 -6.24 6.94 -0.18
N LYS A 18 -7.55 7.13 -0.08
CA LYS A 18 -8.49 6.02 -0.10
C LYS A 18 -8.28 5.16 -1.33
N PHE A 19 -8.21 5.79 -2.49
CA PHE A 19 -8.01 5.08 -3.75
C PHE A 19 -6.85 4.10 -3.64
N GLN A 20 -5.86 4.45 -2.83
CA GLN A 20 -4.68 3.60 -2.64
C GLN A 20 -5.04 2.37 -1.80
N ASN A 21 -5.95 2.55 -0.85
CA ASN A 21 -6.37 1.46 0.02
C ASN A 21 -6.82 0.26 -0.80
N ALA A 22 -7.46 0.52 -1.94
CA ALA A 22 -7.94 -0.54 -2.81
C ALA A 22 -6.80 -1.08 -3.69
N LEU A 23 -6.14 -0.18 -4.41
CA LEU A 23 -5.04 -0.57 -5.28
C LEU A 23 -3.95 -1.30 -4.49
N LEU A 24 -3.77 -0.91 -3.23
CA LEU A 24 -2.77 -1.53 -2.37
C LEU A 24 -3.03 -3.02 -2.22
N VAL A 25 -4.23 -3.36 -1.73
CA VAL A 25 -4.61 -4.75 -1.54
C VAL A 25 -4.45 -5.55 -2.83
N ARG A 26 -4.65 -4.88 -3.96
CA ARG A 26 -4.54 -5.53 -5.27
C ARG A 26 -3.08 -5.72 -5.65
N TYR A 27 -2.28 -4.66 -5.51
CA TYR A 27 -0.88 -4.71 -5.84
C TYR A 27 -0.13 -5.66 -4.90
N THR A 28 -0.44 -5.59 -3.61
CA THR A 28 0.20 -6.44 -2.62
C THR A 28 -0.06 -7.91 -2.92
N LYS A 29 -1.32 -8.26 -3.13
CA LYS A 29 -1.70 -9.63 -3.44
C LYS A 29 -1.14 -10.07 -4.78
N LYS A 30 -1.03 -9.12 -5.70
CA LYS A 30 -0.50 -9.41 -7.04
C LYS A 30 0.92 -9.93 -6.95
N VAL A 31 1.77 -9.25 -6.19
CA VAL A 31 3.16 -9.64 -6.02
C VAL A 31 3.51 -9.80 -4.55
N PRO A 32 3.21 -10.97 -3.97
CA PRO A 32 3.49 -11.26 -2.56
C PRO A 32 4.98 -11.44 -2.30
N GLN A 33 5.43 -10.97 -1.14
CA GLN A 33 6.84 -11.09 -0.76
C GLN A 33 7.71 -10.11 -1.56
N VAL A 34 7.23 -8.88 -1.69
CA VAL A 34 7.97 -7.86 -2.43
C VAL A 34 8.23 -6.64 -1.56
N SER A 35 8.38 -6.86 -0.26
CA SER A 35 8.64 -5.78 0.68
C SER A 35 7.48 -4.78 0.70
N THR A 36 7.28 -4.13 1.84
CA THR A 36 6.21 -3.14 1.98
C THR A 36 6.59 -1.82 1.32
N PRO A 37 7.76 -1.26 1.67
CA PRO A 37 8.22 0.01 1.11
C PRO A 37 8.16 0.02 -0.41
N THR A 38 8.55 -1.09 -1.02
CA THR A 38 8.54 -1.22 -2.48
C THR A 38 7.14 -0.99 -3.04
N LEU A 39 6.19 -1.81 -2.58
CA LEU A 39 4.82 -1.70 -3.03
C LEU A 39 4.30 -0.27 -2.87
N VAL A 40 4.76 0.41 -1.83
CA VAL A 40 4.35 1.78 -1.57
C VAL A 40 5.05 2.76 -2.50
N GLU A 41 6.27 2.42 -2.90
CA GLU A 41 7.04 3.27 -3.81
C GLU A 41 6.23 3.62 -5.04
N VAL A 42 5.70 2.61 -5.71
CA VAL A 42 4.90 2.82 -6.91
C VAL A 42 3.45 3.15 -6.56
N SER A 43 2.91 2.43 -5.58
CA SER A 43 1.54 2.65 -5.15
C SER A 43 1.31 4.10 -4.75
N ARG A 44 2.11 4.58 -3.79
CA ARG A 44 2.00 5.96 -3.32
C ARG A 44 1.99 6.93 -4.50
N ASN A 45 2.81 6.66 -5.50
CA ASN A 45 2.90 7.51 -6.68
C ASN A 45 1.63 7.38 -7.53
N LEU A 46 1.31 6.14 -7.91
CA LEU A 46 0.13 5.88 -8.73
C LEU A 46 -1.10 6.56 -8.14
N GLY A 47 -1.26 6.46 -6.82
CA GLY A 47 -2.39 7.08 -6.17
C GLY A 47 -2.39 8.58 -6.30
N LYS A 48 -1.32 9.22 -5.83
CA LYS A 48 -1.20 10.67 -5.90
C LYS A 48 -1.25 11.15 -7.36
N VAL A 49 -0.76 10.33 -8.27
CA VAL A 49 -0.75 10.67 -9.68
C VAL A 49 -2.13 11.13 -10.14
N GLY A 50 -3.16 10.60 -9.51
CA GLY A 50 -4.52 10.98 -9.87
C GLY A 50 -4.71 12.47 -9.95
N SER A 51 -3.99 13.20 -9.09
CA SER A 51 -4.09 14.66 -9.06
C SER A 51 -3.48 15.26 -10.34
N LYS A 52 -2.47 14.59 -10.88
CA LYS A 52 -1.81 15.06 -12.09
C LYS A 52 -2.78 15.10 -13.26
N CYS A 53 -3.75 14.19 -13.26
CA CYS A 53 -4.74 14.13 -14.32
C CYS A 53 -6.15 14.33 -13.77
N CYS A 54 -6.64 15.56 -13.83
CA CYS A 54 -7.98 15.89 -13.34
C CYS A 54 -8.37 17.30 -13.71
N LYS A 55 -8.67 17.50 -15.00
CA LYS A 55 -9.06 18.83 -15.50
C LYS A 55 -9.30 18.79 -17.00
N HIS A 56 -8.46 18.03 -17.71
CA HIS A 56 -8.58 17.91 -19.15
C HIS A 56 -9.55 16.78 -19.52
N PRO A 57 -10.12 16.85 -20.73
CA PRO A 57 -11.07 15.83 -21.22
C PRO A 57 -10.40 14.51 -21.51
N GLU A 58 -11.20 13.48 -21.78
CA GLU A 58 -10.67 12.15 -22.07
C GLU A 58 -9.56 12.23 -23.11
N ALA A 59 -9.67 13.20 -24.01
CA ALA A 59 -8.67 13.37 -25.06
C ALA A 59 -7.28 13.56 -24.47
N LYS A 60 -7.16 14.52 -23.56
CA LYS A 60 -5.88 14.81 -22.91
C LYS A 60 -5.76 14.14 -21.54
N ARG A 61 -6.72 13.26 -21.21
CA ARG A 61 -6.69 12.56 -19.93
C ARG A 61 -5.61 11.50 -19.91
N MET A 62 -5.67 10.55 -20.84
CA MET A 62 -4.70 9.48 -20.92
C MET A 62 -3.30 10.04 -21.18
N PRO A 63 -3.14 10.85 -22.24
CA PRO A 63 -1.86 11.44 -22.60
C PRO A 63 -1.15 12.06 -21.39
N CYS A 64 -1.91 12.77 -20.56
CA CYS A 64 -1.36 13.41 -19.38
C CYS A 64 -0.81 12.37 -18.41
N ALA A 65 -1.44 11.20 -18.39
CA ALA A 65 -1.02 10.12 -17.50
C ALA A 65 0.16 9.36 -18.08
N GLU A 66 0.13 9.15 -19.40
CA GLU A 66 1.21 8.44 -20.08
C GLU A 66 2.57 8.98 -19.67
N ASP A 67 2.62 10.28 -19.37
CA ASP A 67 3.86 10.92 -18.97
C ASP A 67 4.56 10.12 -17.88
N TYR A 68 3.89 9.97 -16.74
CA TYR A 68 4.44 9.23 -15.61
C TYR A 68 4.36 7.73 -15.86
N LEU A 69 3.27 7.29 -16.49
CA LEU A 69 3.07 5.87 -16.79
C LEU A 69 4.30 5.30 -17.48
N SER A 70 4.82 6.04 -18.45
CA SER A 70 6.00 5.59 -19.20
C SER A 70 7.26 5.77 -18.36
N VAL A 71 7.28 6.78 -17.50
CA VAL A 71 8.43 7.05 -16.65
C VAL A 71 8.59 5.96 -15.59
N VAL A 72 7.51 5.70 -14.87
CA VAL A 72 7.53 4.69 -13.82
C VAL A 72 8.15 3.38 -14.32
N LEU A 73 7.53 2.79 -15.32
CA LEU A 73 8.03 1.54 -15.90
C LEU A 73 9.52 1.63 -16.18
N ASN A 74 9.93 2.71 -16.85
CA ASN A 74 11.33 2.91 -17.18
C ASN A 74 12.20 2.87 -15.93
N GLN A 75 11.67 3.37 -14.83
CA GLN A 75 12.40 3.38 -13.57
C GLN A 75 12.49 1.97 -12.97
N LEU A 76 11.39 1.23 -13.07
CA LEU A 76 11.35 -0.13 -12.54
C LEU A 76 12.39 -1.01 -13.21
N CYS A 77 12.66 -0.72 -14.48
CA CYS A 77 13.65 -1.50 -15.25
C CYS A 77 14.96 -1.63 -14.47
N VAL A 78 15.55 -0.49 -14.11
CA VAL A 78 16.80 -0.50 -13.36
C VAL A 78 16.55 -0.72 -11.88
N LEU A 79 15.48 -0.14 -11.36
CA LEU A 79 15.12 -0.29 -9.96
C LEU A 79 15.02 -1.75 -9.56
N HIS A 80 14.17 -2.49 -10.27
CA HIS A 80 14.00 -3.91 -9.99
C HIS A 80 15.32 -4.65 -10.02
N GLU A 81 16.14 -4.35 -11.03
CA GLU A 81 17.44 -4.99 -11.17
C GLU A 81 18.21 -4.96 -9.85
N LYS A 82 18.16 -3.83 -9.17
CA LYS A 82 18.85 -3.66 -7.90
C LYS A 82 18.23 -4.56 -6.82
N THR A 83 16.92 -4.79 -6.94
CA THR A 83 16.21 -5.63 -5.98
C THR A 83 15.86 -6.98 -6.60
N PRO A 84 16.79 -7.94 -6.58
CA PRO A 84 16.58 -9.27 -7.13
C PRO A 84 15.58 -10.09 -6.32
N VAL A 85 14.31 -9.70 -6.40
CA VAL A 85 13.25 -10.40 -5.68
C VAL A 85 12.17 -10.91 -6.63
N SER A 86 11.32 -11.80 -6.13
CA SER A 86 10.24 -12.36 -6.93
C SER A 86 10.81 -13.31 -7.99
N ASP A 87 9.93 -13.79 -8.86
CA ASP A 87 10.32 -14.70 -9.93
C ASP A 87 9.64 -14.35 -11.24
N ARG A 88 8.36 -14.69 -11.35
CA ARG A 88 7.59 -14.41 -12.54
C ARG A 88 7.77 -12.95 -12.97
N VAL A 89 7.94 -12.08 -12.00
CA VAL A 89 8.12 -10.65 -12.28
C VAL A 89 9.59 -10.34 -12.60
N THR A 90 10.49 -11.10 -12.00
CA THR A 90 11.93 -10.91 -12.24
C THR A 90 12.34 -11.49 -13.59
N LYS A 91 12.01 -12.76 -13.80
CA LYS A 91 12.34 -13.42 -15.06
C LYS A 91 11.90 -12.59 -16.26
N CYS A 92 10.76 -11.94 -16.12
CA CYS A 92 10.23 -11.10 -17.20
C CYS A 92 10.57 -9.62 -16.97
N CYS A 93 11.70 -9.38 -16.30
CA CYS A 93 12.13 -8.02 -16.02
C CYS A 93 12.86 -7.43 -17.21
N THR A 94 13.59 -8.28 -17.93
CA THR A 94 14.35 -7.86 -19.10
C THR A 94 14.02 -8.71 -20.31
N GLU A 95 13.13 -8.20 -21.17
CA GLU A 95 12.73 -8.92 -22.37
C GLU A 95 13.58 -8.51 -23.57
N SER A 96 13.15 -8.91 -24.76
CA SER A 96 13.87 -8.58 -25.98
C SER A 96 13.26 -7.38 -26.68
N LEU A 97 12.71 -6.46 -25.89
CA LEU A 97 12.07 -5.26 -26.43
C LEU A 97 10.87 -5.62 -27.28
N VAL A 98 9.83 -4.78 -27.22
CA VAL A 98 8.61 -4.99 -27.98
C VAL A 98 7.67 -5.99 -27.31
N ASN A 99 8.11 -6.60 -26.20
CA ASN A 99 7.29 -7.57 -25.49
C ASN A 99 7.44 -7.41 -23.98
N ARG A 100 7.68 -6.19 -23.53
CA ARG A 100 7.86 -5.91 -22.12
C ARG A 100 6.50 -5.75 -21.42
N ARG A 101 5.68 -4.86 -21.96
CA ARG A 101 4.36 -4.62 -21.39
C ARG A 101 3.45 -5.85 -21.54
N PRO A 102 3.32 -6.34 -22.78
CA PRO A 102 2.48 -7.52 -23.07
C PRO A 102 2.74 -8.66 -22.09
N CYS A 103 4.00 -8.93 -21.82
CA CYS A 103 4.38 -10.00 -20.90
C CYS A 103 3.90 -9.70 -19.50
N PHE A 104 3.85 -8.41 -19.15
CA PHE A 104 3.40 -7.99 -17.83
C PHE A 104 1.88 -8.05 -17.73
N SER A 105 1.20 -7.32 -18.61
CA SER A 105 -0.25 -7.29 -18.62
C SER A 105 -0.83 -8.70 -18.76
N ALA A 106 -0.20 -9.50 -19.61
CA ALA A 106 -0.64 -10.87 -19.85
C ALA A 106 -0.56 -11.69 -18.57
N LEU A 107 0.41 -11.37 -17.72
CA LEU A 107 0.61 -12.08 -16.46
C LEU A 107 -0.51 -11.73 -15.47
N GLU A 108 -1.03 -12.74 -14.79
CA GLU A 108 -2.09 -12.55 -13.81
C GLU A 108 -1.62 -12.90 -12.41
N VAL A 109 -2.52 -12.83 -11.45
CA VAL A 109 -2.19 -13.15 -10.06
C VAL A 109 -1.43 -14.47 -9.97
N ASP A 110 -0.48 -14.54 -9.04
CA ASP A 110 0.31 -15.73 -8.84
C ASP A 110 0.14 -16.28 -7.43
N GLU A 111 0.20 -15.38 -6.44
CA GLU A 111 0.04 -15.77 -5.04
C GLU A 111 1.01 -16.90 -4.69
N THR A 112 2.28 -16.72 -5.07
CA THR A 112 3.30 -17.72 -4.79
C THR A 112 4.06 -17.37 -3.51
N TYR A 113 3.33 -17.08 -2.44
CA TYR A 113 3.94 -16.72 -1.17
C TYR A 113 4.51 -17.97 -0.48
N VAL A 114 5.80 -18.19 -0.64
CA VAL A 114 6.46 -19.34 -0.04
C VAL A 114 6.97 -19.02 1.37
N PRO A 115 7.70 -17.91 1.54
CA PRO A 115 8.24 -17.51 2.84
C PRO A 115 7.24 -16.71 3.66
N LYS A 116 7.62 -16.41 4.90
CA LYS A 116 6.75 -15.65 5.80
C LYS A 116 7.56 -15.03 6.93
N GLU A 117 6.94 -14.10 7.65
CA GLU A 117 7.60 -13.43 8.76
C GLU A 117 6.83 -13.63 10.06
N PHE A 118 7.37 -14.48 10.93
CA PHE A 118 6.73 -14.75 12.22
C PHE A 118 7.41 -13.98 13.34
N ASN A 119 7.93 -12.81 13.02
CA ASN A 119 8.60 -11.97 14.01
C ASN A 119 7.61 -11.06 14.72
N ALA A 120 7.12 -11.52 15.87
CA ALA A 120 6.16 -10.75 16.65
C ALA A 120 6.86 -9.71 17.51
N GLU A 121 8.08 -10.02 17.94
CA GLU A 121 8.86 -9.11 18.77
C GLU A 121 9.15 -7.81 18.02
N THR A 122 9.48 -7.92 16.74
CA THR A 122 9.78 -6.76 15.92
C THR A 122 8.54 -5.89 15.74
N PHE A 123 8.70 -4.79 15.00
CA PHE A 123 7.58 -3.88 14.76
C PHE A 123 7.15 -3.19 16.05
N THR A 124 7.26 -1.86 16.08
CA THR A 124 6.87 -1.09 17.25
C THR A 124 6.11 0.16 16.86
N PHE A 125 5.65 0.91 17.86
CA PHE A 125 4.91 2.14 17.60
C PHE A 125 5.74 3.37 17.95
N HIS A 126 6.26 3.40 19.16
CA HIS A 126 7.08 4.51 19.62
C HIS A 126 6.29 5.80 19.65
N ALA A 127 6.73 6.76 20.46
CA ALA A 127 6.05 8.04 20.58
C ALA A 127 6.40 8.97 19.42
N ASP A 128 7.63 8.84 18.93
CA ASP A 128 8.10 9.66 17.82
C ASP A 128 7.09 9.64 16.67
N ILE A 129 6.40 8.52 16.51
CA ILE A 129 5.41 8.38 15.46
C ILE A 129 4.45 9.57 15.43
N CYS A 130 4.19 10.12 16.60
CA CYS A 130 3.29 11.27 16.71
C CYS A 130 4.02 12.48 17.29
N THR A 131 5.27 12.66 16.89
CA THR A 131 6.08 13.78 17.37
C THR A 131 7.13 14.16 16.34
N LEU A 132 7.86 13.17 15.84
CA LEU A 132 8.91 13.41 14.85
C LEU A 132 8.33 13.38 13.44
N SER A 133 8.21 14.55 12.83
CA SER A 133 7.68 14.66 11.47
C SER A 133 6.24 14.17 11.42
N GLU A 134 5.30 15.12 11.32
CA GLU A 134 3.89 14.79 11.27
C GLU A 134 3.53 14.16 9.92
N LYS A 135 4.07 14.74 8.85
CA LYS A 135 3.80 14.25 7.51
C LYS A 135 4.04 12.74 7.42
N GLU A 136 5.02 12.25 8.18
CA GLU A 136 5.34 10.84 8.20
C GLU A 136 4.10 9.99 8.45
N ARG A 137 3.16 10.55 9.21
CA ARG A 137 1.93 9.84 9.52
C ARG A 137 1.28 9.28 8.26
N GLN A 138 1.42 10.01 7.15
CA GLN A 138 0.85 9.58 5.88
C GLN A 138 1.20 8.13 5.60
N ILE A 139 2.49 7.81 5.60
CA ILE A 139 2.95 6.46 5.34
C ILE A 139 2.79 5.58 6.57
N LYS A 140 3.20 6.10 7.72
CA LYS A 140 3.10 5.36 8.97
C LYS A 140 1.69 4.80 9.17
N LYS A 141 0.70 5.67 9.13
CA LYS A 141 -0.70 5.27 9.29
C LYS A 141 -1.23 4.63 8.01
N GLN A 142 -0.79 3.41 7.74
CA GLN A 142 -1.23 2.69 6.54
C GLN A 142 -0.64 1.28 6.51
N THR A 143 0.66 1.19 6.81
CA THR A 143 1.34 -0.09 6.81
C THR A 143 0.77 -1.03 7.88
N ALA A 144 0.30 -0.43 8.97
CA ALA A 144 -0.28 -1.20 10.06
C ALA A 144 -1.30 -2.21 9.54
N LEU A 145 -2.20 -1.74 8.70
CA LEU A 145 -3.24 -2.60 8.12
C LEU A 145 -2.65 -3.54 7.08
N VAL A 146 -1.63 -3.06 6.37
CA VAL A 146 -0.97 -3.85 5.34
C VAL A 146 -0.35 -5.11 5.94
N GLU A 147 0.25 -4.97 7.11
CA GLU A 147 0.88 -6.10 7.78
C GLU A 147 -0.12 -7.24 8.00
N LEU A 148 -1.33 -6.87 8.38
CA LEU A 148 -2.39 -7.86 8.61
C LEU A 148 -2.67 -8.67 7.36
N VAL A 149 -2.57 -8.01 6.20
CA VAL A 149 -2.82 -8.67 4.93
C VAL A 149 -1.73 -9.69 4.61
N LYS A 150 -0.48 -9.30 4.81
CA LYS A 150 0.66 -10.18 4.56
C LYS A 150 0.64 -11.38 5.51
N HIS A 151 0.27 -11.13 6.76
CA HIS A 151 0.21 -12.19 7.75
C HIS A 151 -0.96 -13.14 7.47
N LYS A 152 -2.03 -12.60 6.90
CA LYS A 152 -3.21 -13.40 6.58
C LYS A 152 -4.13 -12.63 5.63
N PRO A 153 -3.85 -12.71 4.32
CA PRO A 153 -4.66 -12.03 3.30
C PRO A 153 -6.15 -12.35 3.43
N LYS A 154 -6.97 -11.67 2.64
CA LYS A 154 -8.40 -11.87 2.67
C LYS A 154 -9.01 -11.33 3.95
N ALA A 155 -9.46 -10.07 3.91
CA ALA A 155 -10.06 -9.44 5.08
C ALA A 155 -11.48 -8.97 4.78
N THR A 156 -12.18 -8.52 5.81
CA THR A 156 -13.55 -8.04 5.66
C THR A 156 -13.59 -6.52 5.59
N LYS A 157 -13.88 -6.00 4.40
CA LYS A 157 -13.95 -4.55 4.20
C LYS A 157 -15.07 -3.94 5.03
N GLU A 158 -16.21 -4.62 5.07
CA GLU A 158 -17.36 -4.14 5.83
C GLU A 158 -17.00 -3.94 7.30
N GLN A 159 -16.25 -4.89 7.85
CA GLN A 159 -15.84 -4.83 9.25
C GLN A 159 -14.70 -3.81 9.43
N LEU A 160 -13.84 -3.70 8.43
CA LEU A 160 -12.72 -2.78 8.48
C LEU A 160 -13.21 -1.33 8.62
N LYS A 161 -14.29 -1.00 7.92
CA LYS A 161 -14.86 0.33 7.97
C LYS A 161 -15.24 0.71 9.40
N ALA A 162 -15.77 -0.27 10.14
CA ALA A 162 -16.19 -0.04 11.52
C ALA A 162 -15.00 0.39 12.38
N VAL A 163 -13.93 -0.40 12.33
CA VAL A 163 -12.73 -0.09 13.11
C VAL A 163 -12.16 1.27 12.74
N MET A 164 -12.34 1.67 11.49
CA MET A 164 -11.85 2.95 11.01
C MET A 164 -12.31 4.08 11.93
N ASP A 165 -13.52 3.95 12.45
CA ASP A 165 -14.07 4.96 13.34
C ASP A 165 -13.44 4.87 14.73
N ASP A 166 -13.18 3.65 15.18
CA ASP A 166 -12.59 3.44 16.49
C ASP A 166 -11.10 3.81 16.48
N PHE A 167 -10.45 3.59 15.34
CA PHE A 167 -9.04 3.91 15.20
C PHE A 167 -8.80 5.41 15.32
N ALA A 168 -9.77 6.19 14.86
CA ALA A 168 -9.66 7.64 14.91
C ALA A 168 -9.53 8.13 16.35
N ALA A 169 -10.16 7.41 17.27
CA ALA A 169 -10.10 7.77 18.69
C ALA A 169 -8.81 7.31 19.33
N PHE A 170 -8.44 6.05 19.09
CA PHE A 170 -7.21 5.49 19.64
C PHE A 170 -6.03 6.43 19.39
N VAL A 171 -5.82 6.78 18.13
CA VAL A 171 -4.73 7.66 17.75
C VAL A 171 -4.82 9.00 18.47
N GLU A 172 -6.05 9.45 18.73
CA GLU A 172 -6.29 10.71 19.42
C GLU A 172 -5.60 10.73 20.77
N LYS A 173 -5.96 9.78 21.63
CA LYS A 173 -5.39 9.69 22.96
C LYS A 173 -3.94 9.20 22.89
N CYS A 174 -3.63 8.41 21.87
CA CYS A 174 -2.28 7.88 21.70
C CYS A 174 -1.24 8.97 21.87
N CYS A 175 -1.61 10.20 21.54
CA CYS A 175 -0.70 11.34 21.66
C CYS A 175 -1.44 12.59 22.14
N LYS A 176 -1.83 12.58 23.41
CA LYS A 176 -2.55 13.71 23.98
C LYS A 176 -2.62 13.59 25.50
N ALA A 177 -1.57 13.04 26.10
CA ALA A 177 -1.51 12.86 27.54
C ALA A 177 -0.13 13.18 28.08
N ASP A 178 -0.03 13.34 29.39
CA ASP A 178 1.25 13.65 30.03
C ASP A 178 2.23 12.50 29.87
N ASP A 179 1.76 11.28 30.08
CA ASP A 179 2.59 10.09 29.96
C ASP A 179 2.17 9.26 28.75
N LYS A 180 2.21 9.87 27.57
CA LYS A 180 1.84 9.18 26.34
C LYS A 180 2.85 8.10 25.99
N GLU A 181 4.13 8.34 26.35
CA GLU A 181 5.19 7.40 26.07
C GLU A 181 4.83 6.01 26.58
N THR A 182 4.43 5.93 27.84
CA THR A 182 4.05 4.65 28.45
C THR A 182 2.76 4.12 27.84
N CYS A 183 1.83 5.02 27.57
CA CYS A 183 0.55 4.64 26.99
C CYS A 183 0.74 3.91 25.66
N PHE A 184 1.58 4.48 24.80
CA PHE A 184 1.86 3.89 23.50
C PHE A 184 2.22 2.41 23.64
N ALA A 185 3.01 2.10 24.67
CA ALA A 185 3.43 0.72 24.91
C ALA A 185 2.32 -0.07 25.60
N GLU A 186 1.93 0.35 26.79
CA GLU A 186 0.88 -0.32 27.54
C GLU A 186 -0.37 -0.52 26.68
N GLU A 187 -0.96 0.59 26.24
CA GLU A 187 -2.16 0.54 25.41
C GLU A 187 -1.88 -0.21 24.10
N GLY A 188 -0.70 0.02 23.54
CA GLY A 188 -0.34 -0.63 22.29
C GLY A 188 -0.26 -2.14 22.43
N LYS A 189 0.16 -2.61 23.60
CA LYS A 189 0.27 -4.04 23.85
C LYS A 189 -1.09 -4.65 24.13
N LYS A 190 -1.91 -3.94 24.90
CA LYS A 190 -3.25 -4.41 25.24
C LYS A 190 -4.00 -4.86 23.99
N LEU A 191 -4.03 -3.99 22.98
CA LEU A 191 -4.72 -4.30 21.73
C LEU A 191 -4.22 -5.62 21.15
N VAL A 192 -2.90 -5.82 21.18
CA VAL A 192 -2.30 -7.04 20.65
C VAL A 192 -2.65 -8.24 21.51
N ALA A 193 -2.81 -8.00 22.82
CA ALA A 193 -3.15 -9.08 23.75
C ALA A 193 -4.53 -9.65 23.45
N ALA A 194 -5.47 -8.78 23.12
CA ALA A 194 -6.83 -9.20 22.80
C ALA A 194 -6.90 -9.88 21.44
N SER A 195 -6.13 -9.36 20.49
CA SER A 195 -6.10 -9.91 19.14
C SER A 195 -5.42 -11.27 19.13
N GLN A 196 -4.32 -11.39 19.88
CA GLN A 196 -3.59 -12.64 19.96
C GLN A 196 -4.50 -13.80 20.32
N ALA A 197 -5.46 -13.53 21.20
CA ALA A 197 -6.40 -14.56 21.63
C ALA A 197 -7.28 -15.02 20.48
N ALA A 198 -7.99 -14.07 19.85
CA ALA A 198 -8.86 -14.38 18.74
C ALA A 198 -9.66 -13.15 18.31
N LEU A 199 -10.30 -13.24 17.15
CA LEU A 199 -11.09 -12.14 16.63
C LEU A 199 -12.49 -12.60 16.24
N GLY A 200 -13.31 -12.90 17.25
CA GLY A 200 -14.66 -13.36 16.99
C GLY A 200 -15.05 -14.54 17.86
C1 4EB B . 10.20 -4.28 -8.27
C2 4EB B . 8.75 -4.18 -7.85
C3 4EB B . 7.90 -5.27 -8.02
C4 4EB B . 6.55 -5.16 -7.64
C5 4EB B . 6.07 -3.97 -7.08
S6 4EB B . 4.37 -3.85 -6.60
C7 4EB B . 3.36 -3.42 -8.05
C8 4EB B . 3.49 -4.48 -9.12
N9 4EB B . 3.56 -3.86 -10.45
C10 4EB B . 2.41 -3.78 -11.25
C11 4EB B . 1.19 -4.29 -10.77
C12 4EB B . 0.03 -4.21 -11.55
C13 4EB B . 0.08 -3.62 -12.82
C14 4EB B . 1.29 -3.10 -13.31
C15 4EB B . 2.45 -3.18 -12.53
N16 4EB B . 3.72 -2.63 -13.05
O17 4EB B . 4.74 -2.69 -12.39
O18 4EB B . 3.74 -2.12 -14.16
S19 4EB B . -1.43 -3.51 -13.84
O20 4EB B . -2.45 -4.36 -13.29
O21 4EB B . -1.13 -3.96 -15.17
N22 4EB B . -2.00 -1.87 -13.89
C23 4EB B . -2.85 -1.42 -12.97
O24 4EB B . -3.24 -2.19 -12.08
C25 4EB B . -3.35 -0.03 -13.01
C26 4EB B . -4.23 0.43 -12.03
C27 4EB B . -4.69 1.75 -12.07
C28 4EB B . -4.25 2.62 -13.09
C29 4EB B . -3.36 2.16 -14.05
C30 4EB B . -2.90 0.84 -14.02
C31 4EB B . -4.73 4.02 -13.12
C32 4EB B . -5.51 4.52 -12.06
C33 4EB B . -5.96 5.85 -12.11
C34 4EB B . -5.65 6.66 -13.19
F35 4EB B . -6.08 7.94 -13.24
C36 4EB B . -4.87 6.16 -14.25
C37 4EB B . -4.42 4.84 -14.21
C38 4EB B . 6.93 -2.88 -6.92
C39 4EB B . 6.40 -1.59 -6.33
C40 4EB B . 8.27 -2.98 -7.31
H4 4EB B . 10.83 -4.27 -7.38
H5 4EB B . 10.46 -3.42 -8.89
H6 4EB B . 10.35 -5.21 -8.82
H1 4EB B . 8.27 -6.19 -8.44
H2 4EB B . 5.89 -6.01 -7.76
H10 4EB B . 3.75 -2.48 -8.46
H11 4EB B . 2.32 -3.29 -7.76
H12 4EB B . 2.59 -5.12 -9.08
H13 4EB B . 4.38 -5.10 -8.94
H14 4EB B . 4.44 -3.50 -10.78
H16 4EB B . 1.15 -4.75 -9.79
H15 4EB B . -0.89 -4.60 -11.18
H17 4EB B . 1.33 -2.65 -14.28
H18 4EB B . -1.70 -1.24 -14.62
H22 4EB B . -4.58 -0.23 -11.25
H21 4EB B . -5.39 2.11 -11.32
H20 4EB B . -3.02 2.83 -14.84
H19 4EB B . -2.21 0.48 -14.77
H26 4EB B . -5.76 3.89 -11.23
H25 4EB B . -6.56 6.24 -11.29
H24 4EB B . -4.63 6.79 -15.09
H23 4EB B . -3.82 4.45 -15.03
H7 4EB B . 5.42 -1.77 -5.89
H8 4EB B . 6.32 -0.85 -7.12
H9 4EB B . 7.09 -1.24 -5.56
H3 4EB B . 8.93 -2.14 -7.18
#